data_6Y5L
#
_entry.id   6Y5L
#
_cell.length_a   1.00
_cell.length_b   1.00
_cell.length_c   1.00
_cell.angle_alpha   90.00
_cell.angle_beta   90.00
_cell.angle_gamma   90.00
#
_symmetry.space_group_name_H-M   'P 1'
#
loop_
_entity.id
_entity.type
_entity.pdbx_description
1 polymer 'X-31 Influenza Haemagglutinin HA1,X-31 Influenza Haemagglutinin HA1'
2 polymer 'X-31 Influenza Haemagglutinin HA2'
3 non-polymer 2-acetamido-2-deoxy-beta-D-glucopyranose
#
loop_
_entity_poly.entity_id
_entity_poly.type
_entity_poly.pdbx_seq_one_letter_code
_entity_poly.pdbx_strand_id
1 'polypeptide(L)' AVPNGTLVKTITDDQIEVTNATELVCITPNGSIPNDKPFQNVNKITYGACPKYVKQNTLKLATGMRNVPE A,C,E
2 'polypeptide(L)'
;GLFGAIAGFIENGWEGMIDGWYGFRHQNSEGTGQAADLKSTQAAIDQINGKLNRVIEKTNEKFHQIEKEFSEVEGRIQDL
EKYVEDTKIDLWSYNAELLVALENQHTIDLTDSEMNKLFEKTRRQLRENAEEMGNGCFKIYHKCDNACIESIRNGTYDHD
VYRDEALNNRFQ
;
B,D,F
#
# COMPACT_ATOMS: atom_id res chain seq x y z
N ALA A 1 42.09 1.04 6.87
CA ALA A 1 41.69 2.06 7.82
C ALA A 1 41.67 3.44 7.17
N VAL A 2 40.68 3.66 6.31
CA VAL A 2 40.56 4.92 5.57
C VAL A 2 40.19 6.01 6.56
N PRO A 3 40.54 7.28 6.31
CA PRO A 3 40.07 8.36 7.21
C PRO A 3 38.63 8.76 6.92
N ASN A 4 38.24 8.71 5.65
CA ASN A 4 36.89 9.07 5.23
C ASN A 4 35.99 7.84 5.16
N GLY A 5 35.86 7.17 6.31
CA GLY A 5 34.91 6.07 6.41
C GLY A 5 33.48 6.60 6.42
N THR A 6 32.66 6.06 5.53
CA THR A 6 31.32 6.58 5.27
C THR A 6 30.29 5.81 6.09
N LEU A 7 29.42 6.56 6.78
CA LEU A 7 28.36 5.94 7.55
C LEU A 7 27.30 5.37 6.62
N VAL A 8 26.83 4.16 6.93
CA VAL A 8 25.82 3.47 6.15
C VAL A 8 24.74 2.96 7.08
N LYS A 9 23.49 3.19 6.70
CA LYS A 9 22.35 2.78 7.51
C LYS A 9 22.25 1.25 7.53
N THR A 10 21.49 0.72 8.49
CA THR A 10 21.29 -0.71 8.66
C THR A 10 19.89 -0.92 9.27
N ILE A 11 19.62 -2.14 9.72
CA ILE A 11 18.34 -2.45 10.34
C ILE A 11 18.55 -2.81 11.81
N THR A 12 19.74 -3.30 12.16
CA THR A 12 20.08 -3.52 13.56
C THR A 12 20.46 -2.21 14.20
N ASP A 13 21.53 -1.59 13.68
CA ASP A 13 21.98 -0.27 14.11
C ASP A 13 21.18 0.78 13.34
N ASP A 14 21.65 2.03 13.35
CA ASP A 14 21.09 3.05 12.48
C ASP A 14 22.13 3.84 11.71
N GLN A 15 23.42 3.63 11.98
CA GLN A 15 24.52 4.17 11.19
C GLN A 15 25.83 3.50 11.62
N ILE A 16 26.62 3.00 10.66
CA ILE A 16 27.93 2.44 11.00
C ILE A 16 28.94 2.88 9.96
N GLU A 17 30.20 2.98 10.35
CA GLU A 17 31.24 3.55 9.51
C GLU A 17 31.99 2.43 8.81
N VAL A 18 31.86 2.36 7.49
CA VAL A 18 32.57 1.37 6.70
C VAL A 18 33.58 2.08 5.81
N THR A 19 34.60 1.33 5.39
CA THR A 19 35.70 1.89 4.60
C THR A 19 35.22 2.56 3.32
N ASN A 20 34.67 1.79 2.39
CA ASN A 20 34.20 2.33 1.14
C ASN A 20 32.69 2.57 1.21
N ALA A 21 32.07 2.79 0.06
CA ALA A 21 30.63 2.96 -0.08
C ALA A 21 30.26 3.21 -1.53
N THR A 22 28.98 3.48 -1.78
CA THR A 22 28.47 3.79 -3.11
C THR A 22 27.17 4.55 -2.88
N GLU A 23 26.56 5.03 -3.97
CA GLU A 23 25.27 5.69 -3.88
C GLU A 23 24.33 5.15 -4.95
N LEU A 24 23.04 5.13 -4.63
CA LEU A 24 22.02 4.59 -5.51
C LEU A 24 20.94 5.62 -5.81
N VAL A 25 21.12 6.86 -5.36
CA VAL A 25 20.21 7.95 -5.68
C VAL A 25 21.00 9.18 -6.10
N CYS A 26 14.97 8.15 -19.72
CA CYS A 26 14.91 9.23 -18.73
C CYS A 26 14.96 10.61 -19.36
N ILE A 27 13.80 11.25 -19.46
CA ILE A 27 13.69 12.67 -19.77
C ILE A 27 12.57 13.24 -18.91
N THR A 28 12.91 14.15 -18.02
CA THR A 28 12.00 14.68 -17.03
C THR A 28 11.68 16.15 -17.30
N PRO A 29 10.53 16.63 -16.82
CA PRO A 29 10.26 18.08 -16.90
C PRO A 29 11.23 18.93 -16.08
N ASN A 30 12.17 18.28 -15.39
CA ASN A 30 13.24 18.98 -14.67
C ASN A 30 14.62 18.51 -15.13
N GLY A 31 14.75 18.17 -16.41
CA GLY A 31 16.03 17.77 -16.95
C GLY A 31 16.08 16.33 -17.43
N SER A 32 17.29 15.76 -17.50
CA SER A 32 17.47 14.35 -17.81
C SER A 32 18.49 13.77 -16.84
N ILE A 33 18.68 12.46 -16.91
CA ILE A 33 19.43 11.73 -15.89
C ILE A 33 19.87 10.38 -16.45
N PRO A 34 21.06 9.90 -16.10
CA PRO A 34 21.47 8.55 -16.49
C PRO A 34 20.56 7.50 -15.88
N ASN A 35 20.77 6.26 -16.30
CA ASN A 35 20.03 5.12 -15.78
C ASN A 35 20.98 3.98 -15.42
N ASP A 36 22.05 4.33 -14.71
CA ASP A 36 22.89 3.35 -14.05
C ASP A 36 22.60 3.23 -12.57
N LYS A 37 21.81 4.17 -12.00
CA LYS A 37 21.36 4.16 -10.63
C LYS A 37 19.92 3.66 -10.57
N PRO A 38 19.61 2.65 -9.74
CA PRO A 38 18.26 2.07 -9.76
C PRO A 38 17.19 2.93 -9.13
N PHE A 39 17.56 3.98 -8.38
CA PHE A 39 16.59 4.80 -7.67
C PHE A 39 16.87 6.28 -7.94
N GLN A 40 16.08 6.89 -8.83
CA GLN A 40 16.22 8.32 -9.06
C GLN A 40 15.54 9.11 -7.93
N ASN A 41 15.58 10.44 -8.05
CA ASN A 41 14.97 11.31 -7.04
C ASN A 41 14.25 12.52 -7.60
N VAL A 42 14.47 12.91 -8.86
CA VAL A 42 14.08 14.24 -9.31
C VAL A 42 12.57 14.34 -9.47
N ASN A 43 11.98 13.40 -10.20
CA ASN A 43 10.54 13.45 -10.45
C ASN A 43 10.07 12.08 -10.89
N LYS A 44 8.78 11.83 -10.70
CA LYS A 44 8.18 10.53 -11.04
C LYS A 44 7.62 10.48 -12.46
N ILE A 45 7.43 11.62 -13.11
CA ILE A 45 6.90 11.66 -14.47
C ILE A 45 8.05 11.46 -15.44
N THR A 46 8.31 10.21 -15.82
CA THR A 46 9.47 9.86 -16.61
C THR A 46 9.10 9.59 -18.06
N TYR A 47 10.13 9.55 -18.91
CA TYR A 47 9.98 9.30 -20.34
C TYR A 47 10.89 8.13 -20.68
N GLY A 48 10.31 7.05 -21.18
CA GLY A 48 11.08 5.88 -21.53
C GLY A 48 11.43 5.05 -20.30
N ALA A 49 12.17 3.97 -20.54
CA ALA A 49 12.51 3.00 -19.50
C ALA A 49 13.49 3.64 -18.53
N CYS A 50 12.99 4.09 -17.39
CA CYS A 50 13.76 4.88 -16.45
C CYS A 50 13.52 4.39 -15.03
N PRO A 51 14.57 4.31 -14.19
CA PRO A 51 14.47 3.57 -12.92
C PRO A 51 13.46 4.13 -11.92
N LYS A 52 13.35 3.46 -10.78
CA LYS A 52 12.23 3.62 -9.87
C LYS A 52 12.37 4.88 -9.01
N TYR A 53 11.32 5.70 -8.98
CA TYR A 53 11.29 6.88 -8.12
C TYR A 53 11.27 6.48 -6.65
N VAL A 54 12.00 7.23 -5.83
CA VAL A 54 11.96 7.09 -4.37
C VAL A 54 11.82 8.45 -3.72
N LYS A 55 11.90 8.52 -2.37
CA LYS A 55 11.71 9.79 -1.68
C LYS A 55 12.84 10.15 -0.71
N GLN A 56 13.89 9.34 -0.60
CA GLN A 56 15.05 9.67 0.23
C GLN A 56 15.97 10.63 -0.52
N ASN A 57 17.19 10.77 0.00
CA ASN A 57 18.22 11.55 -0.65
C ASN A 57 19.56 10.84 -0.76
N THR A 58 19.80 9.79 0.03
CA THR A 58 21.05 9.04 -0.09
C THR A 58 20.87 7.68 0.56
N LEU A 59 21.14 6.63 -0.20
CA LEU A 59 21.06 5.25 0.26
C LEU A 59 22.37 4.57 -0.10
N LYS A 60 23.24 4.36 0.90
CA LYS A 60 24.57 3.82 0.61
C LYS A 60 24.49 2.30 0.52
N LEU A 61 24.72 1.77 -0.68
CA LEU A 61 24.80 0.33 -0.89
C LEU A 61 26.21 -0.16 -0.59
N ALA A 62 26.60 -0.02 0.68
CA ALA A 62 27.92 -0.39 1.18
C ALA A 62 28.50 -1.64 0.51
N THR A 63 29.72 -1.55 0.00
CA THR A 63 30.40 -2.66 -0.65
C THR A 63 31.76 -2.96 -0.02
N GLY A 64 31.97 -2.53 1.23
CA GLY A 64 33.28 -2.61 1.83
C GLY A 64 33.25 -3.14 3.25
N MET A 65 34.42 -3.57 3.70
CA MET A 65 34.62 -4.03 5.07
C MET A 65 34.22 -2.95 6.06
N ARG A 66 33.90 -3.38 7.28
CA ARG A 66 33.63 -2.46 8.37
C ARG A 66 34.90 -1.70 8.73
N ASN A 67 34.81 -0.37 8.75
CA ASN A 67 35.97 0.46 9.04
C ASN A 67 36.40 0.29 10.50
N VAL A 68 35.50 0.62 11.44
CA VAL A 68 35.84 0.54 12.86
C VAL A 68 36.22 -0.89 13.21
N PRO A 69 37.26 -1.12 14.01
CA PRO A 69 37.68 -2.49 14.32
C PRO A 69 36.71 -3.16 15.28
N GLU A 70 36.74 -4.49 15.28
CA GLU A 70 35.97 -5.32 16.21
C GLU A 70 34.48 -5.01 16.17
N ASP B 37 -65.01 37.76 -16.45
CA ASP B 37 -64.56 38.50 -17.62
C ASP B 37 -63.05 38.33 -17.82
N LEU B 38 -62.46 39.20 -18.63
CA LEU B 38 -61.03 39.15 -18.93
C LEU B 38 -60.16 39.49 -17.72
N LYS B 39 -60.75 40.05 -16.67
CA LYS B 39 -59.96 40.40 -15.48
C LYS B 39 -59.46 39.15 -14.77
N SER B 40 -60.33 38.14 -14.59
CA SER B 40 -59.89 36.88 -13.99
C SER B 40 -58.83 36.20 -14.85
N THR B 41 -58.99 36.29 -16.18
CA THR B 41 -57.96 35.77 -17.07
C THR B 41 -56.63 36.47 -16.85
N GLN B 42 -56.67 37.81 -16.72
CA GLN B 42 -55.44 38.56 -16.48
C GLN B 42 -54.82 38.18 -15.15
N ALA B 43 -55.63 37.98 -14.12
CA ALA B 43 -55.08 37.56 -12.83
C ALA B 43 -54.43 36.20 -12.96
N ALA B 44 -55.04 35.31 -13.74
CA ALA B 44 -54.42 34.02 -14.02
C ALA B 44 -53.09 34.19 -14.74
N ILE B 45 -53.01 35.12 -15.69
CA ILE B 45 -51.74 35.40 -16.36
C ILE B 45 -50.68 35.85 -15.37
N ASP B 46 -51.03 36.78 -14.49
CA ASP B 46 -50.04 37.24 -13.50
C ASP B 46 -49.59 36.11 -12.61
N GLN B 47 -50.51 35.27 -12.13
CA GLN B 47 -50.09 34.25 -11.18
C GLN B 47 -49.33 33.12 -11.87
N ILE B 48 -49.62 32.81 -13.13
CA ILE B 48 -48.79 31.83 -13.83
C ILE B 48 -47.41 32.40 -14.14
N ASN B 49 -47.33 33.71 -14.45
CA ASN B 49 -46.03 34.35 -14.57
C ASN B 49 -45.25 34.26 -13.26
N GLY B 50 -45.92 34.54 -12.14
CA GLY B 50 -45.28 34.46 -10.85
C GLY B 50 -44.72 33.07 -10.59
N LYS B 51 -45.57 32.05 -10.75
CA LYS B 51 -45.13 30.69 -10.47
C LYS B 51 -44.05 30.25 -11.46
N LEU B 52 -44.11 30.70 -12.71
CA LEU B 52 -43.09 30.35 -13.69
C LEU B 52 -41.75 30.96 -13.31
N ASN B 53 -41.72 32.25 -12.96
CA ASN B 53 -40.47 32.83 -12.49
C ASN B 53 -39.99 32.17 -11.21
N ARG B 54 -40.92 31.73 -10.36
CA ARG B 54 -40.55 31.06 -9.12
C ARG B 54 -39.82 29.75 -9.42
N VAL B 55 -40.43 28.90 -10.23
CA VAL B 55 -39.78 27.63 -10.57
C VAL B 55 -38.47 27.90 -11.33
N ILE B 56 -38.45 28.94 -12.17
CA ILE B 56 -37.22 29.29 -12.87
C ILE B 56 -36.08 29.52 -11.87
N GLU B 57 -36.28 30.45 -10.92
CA GLU B 57 -35.19 30.81 -10.01
C GLU B 57 -34.88 29.66 -9.07
N LYS B 58 -35.91 28.91 -8.66
CA LYS B 58 -35.68 27.75 -7.80
C LYS B 58 -34.81 26.72 -8.50
N THR B 59 -35.16 26.35 -9.73
CA THR B 59 -34.33 25.48 -10.54
C THR B 59 -32.91 26.02 -10.65
N ASN B 60 -32.75 27.33 -10.89
CA ASN B 60 -31.41 27.87 -11.07
C ASN B 60 -30.58 27.70 -9.79
N GLU B 61 -31.15 28.05 -8.65
CA GLU B 61 -30.40 27.92 -7.40
C GLU B 61 -30.15 26.45 -7.05
N LYS B 62 -31.07 25.55 -7.41
CA LYS B 62 -30.83 24.14 -7.12
C LYS B 62 -29.78 23.56 -8.06
N PHE B 63 -29.72 24.06 -9.30
CA PHE B 63 -28.59 23.72 -10.17
C PHE B 63 -27.29 24.23 -9.57
N HIS B 64 -27.32 25.43 -8.98
CA HIS B 64 -26.15 25.91 -8.25
C HIS B 64 -25.76 24.93 -7.15
N GLN B 65 -26.75 24.41 -6.43
CA GLN B 65 -26.51 23.42 -5.40
C GLN B 65 -25.79 22.20 -5.99
N ILE B 66 -26.31 21.72 -7.11
CA ILE B 66 -25.78 20.52 -7.74
C ILE B 66 -24.35 20.76 -8.25
N GLU B 67 -24.09 21.94 -8.81
CA GLU B 67 -22.77 22.21 -9.37
C GLU B 67 -21.73 22.44 -8.28
N LYS B 68 -22.11 23.11 -7.18
CA LYS B 68 -21.14 23.20 -6.09
C LYS B 68 -20.90 21.83 -5.47
N GLU B 69 -21.91 20.95 -5.49
CA GLU B 69 -21.66 19.62 -4.95
C GLU B 69 -20.76 18.81 -5.88
N PHE B 70 -20.92 18.95 -7.20
CA PHE B 70 -19.95 18.41 -8.14
C PHE B 70 -18.55 18.95 -7.87
N SER B 71 -18.42 20.27 -7.69
CA SER B 71 -17.10 20.85 -7.44
C SER B 71 -16.46 20.25 -6.19
N GLU B 72 -17.24 20.14 -5.11
CA GLU B 72 -16.66 19.67 -3.85
C GLU B 72 -16.36 18.17 -3.92
N VAL B 73 -17.19 17.38 -4.61
CA VAL B 73 -16.92 15.96 -4.69
C VAL B 73 -15.73 15.70 -5.60
N GLU B 74 -15.58 16.51 -6.67
CA GLU B 74 -14.39 16.39 -7.51
C GLU B 74 -13.13 16.74 -6.72
N GLY B 75 -13.21 17.78 -5.89
CA GLY B 75 -12.09 18.07 -5.00
C GLY B 75 -11.81 16.94 -4.02
N ARG B 76 -12.88 16.31 -3.51
CA ARG B 76 -12.72 15.16 -2.63
C ARG B 76 -11.95 14.05 -3.33
N ILE B 77 -12.36 13.68 -4.54
CA ILE B 77 -11.66 12.62 -5.26
C ILE B 77 -10.24 13.05 -5.60
N GLN B 78 -10.02 14.33 -5.87
CA GLN B 78 -8.68 14.81 -6.17
C GLN B 78 -7.77 14.61 -4.96
N ASP B 79 -8.22 15.06 -3.79
CA ASP B 79 -7.43 14.88 -2.58
C ASP B 79 -7.27 13.41 -2.23
N LEU B 80 -8.30 12.59 -2.50
CA LEU B 80 -8.17 11.16 -2.26
C LEU B 80 -7.11 10.55 -3.18
N GLU B 81 -7.08 10.98 -4.44
CA GLU B 81 -6.07 10.49 -5.38
C GLU B 81 -4.69 10.90 -4.90
N LYS B 82 -4.55 12.15 -4.46
CA LYS B 82 -3.27 12.61 -3.92
C LYS B 82 -2.86 11.77 -2.71
N TYR B 83 -3.82 11.42 -1.86
CA TYR B 83 -3.53 10.59 -0.69
C TYR B 83 -3.08 9.20 -1.12
N VAL B 84 -3.75 8.61 -2.11
CA VAL B 84 -3.35 7.28 -2.58
C VAL B 84 -1.95 7.34 -3.19
N GLU B 85 -1.66 8.37 -3.98
CA GLU B 85 -0.34 8.49 -4.58
C GLU B 85 0.73 8.67 -3.52
N ASP B 86 0.47 9.51 -2.51
CA ASP B 86 1.44 9.71 -1.44
C ASP B 86 1.67 8.42 -0.66
N THR B 87 0.60 7.70 -0.33
CA THR B 87 0.72 6.43 0.37
C THR B 87 1.54 5.43 -0.43
N LYS B 88 1.20 5.26 -1.71
CA LYS B 88 1.95 4.35 -2.55
C LYS B 88 3.42 4.73 -2.62
N ILE B 89 3.70 6.04 -2.76
CA ILE B 89 5.06 6.50 -2.93
C ILE B 89 5.86 6.26 -1.67
N ASP B 90 5.29 6.56 -0.50
CA ASP B 90 6.07 6.38 0.73
C ASP B 90 6.18 4.90 1.10
N LEU B 91 5.17 4.08 0.77
CA LEU B 91 5.31 2.65 1.00
C LEU B 91 6.39 2.05 0.11
N TRP B 92 6.40 2.41 -1.18
CA TRP B 92 7.45 1.93 -2.07
C TRP B 92 8.81 2.46 -1.64
N SER B 93 8.87 3.68 -1.12
CA SER B 93 10.12 4.24 -0.63
C SER B 93 10.64 3.46 0.57
N TYR B 94 9.74 3.13 1.52
CA TYR B 94 10.17 2.36 2.69
C TYR B 94 10.54 0.93 2.31
N ASN B 95 9.83 0.34 1.35
CA ASN B 95 10.25 -0.96 0.82
C ASN B 95 11.65 -0.89 0.22
N ALA B 96 11.95 0.19 -0.50
CA ALA B 96 13.28 0.37 -1.08
C ALA B 96 14.32 0.50 0.03
N GLU B 97 14.01 1.31 1.04
CA GLU B 97 14.94 1.54 2.15
C GLU B 97 15.20 0.25 2.91
N LEU B 98 14.15 -0.52 3.19
CA LEU B 98 14.32 -1.80 3.87
C LEU B 98 15.11 -2.78 3.01
N LEU B 99 14.90 -2.76 1.70
CA LEU B 99 15.64 -3.65 0.81
C LEU B 99 17.14 -3.32 0.85
N VAL B 100 17.47 -2.04 0.71
CA VAL B 100 18.89 -1.67 0.73
C VAL B 100 19.48 -1.88 2.13
N ALA B 101 18.68 -1.73 3.18
CA ALA B 101 19.18 -2.00 4.52
C ALA B 101 19.53 -3.47 4.70
N LEU B 102 18.64 -4.36 4.25
CA LEU B 102 18.91 -5.79 4.31
C LEU B 102 20.16 -6.15 3.51
N GLU B 103 20.27 -5.60 2.29
CA GLU B 103 21.46 -5.88 1.47
C GLU B 103 22.72 -5.40 2.17
N ASN B 104 22.70 -4.16 2.71
CA ASN B 104 23.84 -3.63 3.43
C ASN B 104 24.23 -4.54 4.59
N GLN B 105 23.25 -4.95 5.39
CA GLN B 105 23.57 -5.79 6.54
C GLN B 105 24.16 -7.13 6.11
N HIS B 106 23.57 -7.74 5.07
CA HIS B 106 24.10 -9.01 4.58
C HIS B 106 25.55 -8.86 4.16
N THR B 107 25.84 -7.81 3.38
CA THR B 107 27.21 -7.58 2.92
C THR B 107 28.15 -7.39 4.11
N ILE B 108 27.76 -6.53 5.06
CA ILE B 108 28.62 -6.24 6.21
C ILE B 108 28.88 -7.51 7.00
N ASP B 109 27.86 -8.35 7.18
CA ASP B 109 28.00 -9.56 7.98
C ASP B 109 28.93 -10.55 7.27
N LEU B 110 28.72 -10.78 5.98
CA LEU B 110 29.65 -11.64 5.24
C LEU B 110 31.08 -11.12 5.38
N THR B 111 31.27 -9.82 5.15
CA THR B 111 32.63 -9.26 5.14
C THR B 111 33.31 -9.40 6.49
N ASP B 112 32.66 -8.97 7.58
CA ASP B 112 33.34 -9.06 8.87
C ASP B 112 33.49 -10.51 9.32
N SER B 113 32.55 -11.39 8.96
CA SER B 113 32.74 -12.81 9.29
C SER B 113 34.00 -13.35 8.63
N GLU B 114 34.19 -13.05 7.34
CA GLU B 114 35.43 -13.44 6.67
C GLU B 114 36.64 -12.81 7.33
N MET B 115 36.50 -11.55 7.77
CA MET B 115 37.62 -10.85 8.39
C MET B 115 38.03 -11.52 9.69
N ASN B 116 37.07 -11.81 10.57
CA ASN B 116 37.41 -12.49 11.82
C ASN B 116 37.90 -13.90 11.57
N LYS B 117 37.41 -14.56 10.52
CA LYS B 117 37.92 -15.88 10.16
C LYS B 117 39.41 -15.80 9.83
N LEU B 118 39.78 -14.88 8.95
CA LEU B 118 41.19 -14.69 8.62
C LEU B 118 42.00 -14.24 9.85
N PHE B 119 41.38 -13.44 10.71
CA PHE B 119 42.03 -13.01 11.95
C PHE B 119 42.40 -14.20 12.81
N GLU B 120 41.45 -15.11 13.03
CA GLU B 120 41.72 -16.30 13.83
C GLU B 120 42.74 -17.20 13.15
N LYS B 121 42.63 -17.36 11.82
CA LYS B 121 43.61 -18.15 11.09
C LYS B 121 45.02 -17.63 11.31
N THR B 122 45.22 -16.31 11.17
CA THR B 122 46.53 -15.73 11.41
C THR B 122 46.96 -15.89 12.87
N ARG B 123 46.01 -15.72 13.80
CA ARG B 123 46.31 -15.91 15.22
C ARG B 123 46.80 -17.33 15.49
N ARG B 124 46.32 -18.31 14.73
CA ARG B 124 46.83 -19.67 14.87
C ARG B 124 48.31 -19.76 14.50
N GLN B 125 48.74 -18.97 13.52
CA GLN B 125 50.12 -18.98 13.07
C GLN B 125 51.04 -18.35 14.12
N ALA C 1 18.55 -20.65 32.48
CA ALA C 1 17.39 -21.53 32.30
C ALA C 1 16.22 -21.06 33.15
N VAL C 2 15.60 -19.96 32.74
CA VAL C 2 14.50 -19.36 33.49
C VAL C 2 13.30 -20.29 33.36
N PRO C 3 12.37 -20.32 34.32
CA PRO C 3 11.14 -21.11 34.13
C PRO C 3 10.12 -20.41 33.25
N ASN C 4 10.07 -19.08 33.35
CA ASN C 4 9.12 -18.29 32.56
C ASN C 4 9.79 -17.77 31.28
N GLY C 5 10.24 -18.73 30.47
CA GLY C 5 10.74 -18.39 29.15
C GLY C 5 9.60 -17.99 28.23
N THR C 6 9.74 -16.81 27.61
CA THR C 6 8.67 -16.18 26.86
C THR C 6 8.80 -16.53 25.38
N LEU C 7 7.68 -16.96 24.78
CA LEU C 7 7.67 -17.26 23.35
C LEU C 7 7.72 -15.97 22.55
N VAL C 8 8.53 -15.97 21.49
CA VAL C 8 8.71 -14.82 20.62
C VAL C 8 8.59 -15.28 19.19
N LYS C 9 7.81 -14.54 18.40
CA LYS C 9 7.57 -14.86 16.99
C LYS C 9 8.86 -14.68 16.20
N THR C 10 8.90 -15.27 15.01
CA THR C 10 10.05 -15.20 14.11
C THR C 10 9.54 -15.28 12.68
N ILE C 11 10.45 -15.47 11.72
CA ILE C 11 10.07 -15.59 10.33
C ILE C 11 10.39 -16.99 9.81
N THR C 12 11.37 -17.67 10.43
CA THR C 12 11.63 -19.07 10.11
C THR C 12 10.62 -19.95 10.83
N ASP C 13 10.61 -19.88 12.16
CA ASP C 13 9.65 -20.58 13.00
C ASP C 13 8.39 -19.71 13.11
N ASP C 14 7.52 -20.02 14.07
CA ASP C 14 6.42 -19.12 14.39
C ASP C 14 6.27 -18.84 15.87
N GLN C 15 7.06 -19.49 16.73
CA GLN C 15 7.16 -19.18 18.15
C GLN C 15 8.33 -19.95 18.76
N ILE C 16 9.21 -19.27 19.49
CA ILE C 16 10.30 -19.96 20.18
C ILE C 16 10.46 -19.36 21.56
N GLU C 17 10.96 -20.17 22.49
CA GLU C 17 11.00 -19.79 23.91
C GLU C 17 12.40 -19.26 24.23
N VAL C 18 12.47 -17.97 24.56
CA VAL C 18 13.73 -17.36 24.95
C VAL C 18 13.65 -16.94 26.41
N THR C 19 14.82 -16.79 27.03
CA THR C 19 14.90 -16.49 28.45
C THR C 19 14.16 -15.20 28.82
N ASN C 20 14.64 -14.07 28.34
CA ASN C 20 14.02 -12.79 28.64
C ASN C 20 13.09 -12.40 27.50
N ALA C 21 12.67 -11.13 27.50
CA ALA C 21 11.85 -10.54 26.44
C ALA C 21 11.55 -9.09 26.77
N THR C 22 10.73 -8.46 25.93
CA THR C 22 10.29 -7.08 26.13
C THR C 22 8.99 -6.94 25.35
N GLU C 23 8.35 -5.78 25.44
CA GLU C 23 7.16 -5.51 24.67
C GLU C 23 7.25 -4.13 24.03
N LEU C 24 6.64 -4.00 22.86
CA LEU C 24 6.67 -2.76 22.08
C LEU C 24 5.28 -2.25 21.79
N VAL C 25 4.25 -2.87 22.35
CA VAL C 25 2.88 -2.38 22.24
C VAL C 25 2.20 -2.39 23.60
N CYS C 26 1.11 12.48 22.92
CA CYS C 26 0.08 11.46 23.03
C CYS C 26 -1.07 11.88 23.94
N ILE C 27 -2.18 12.29 23.32
CA ILE C 27 -3.46 12.46 24.01
C ILE C 27 -4.54 11.97 23.07
N THR C 28 -5.23 10.92 23.47
CA THR C 28 -6.19 10.23 22.62
C THR C 28 -7.62 10.42 23.14
N PRO C 29 -8.62 10.30 22.28
CA PRO C 29 -10.01 10.31 22.76
C PRO C 29 -10.35 9.12 23.64
N ASN C 30 -9.38 8.23 23.88
CA ASN C 30 -9.53 7.13 24.83
C ASN C 30 -8.43 7.16 25.89
N GLY C 31 -7.99 8.35 26.29
CA GLY C 31 -6.98 8.47 27.33
C GLY C 31 -5.67 9.06 26.85
N SER C 32 -4.59 8.79 27.59
CA SER C 32 -3.25 9.16 27.19
C SER C 32 -2.32 7.99 27.42
N ILE C 33 -1.07 8.14 26.97
CA ILE C 33 -0.15 7.02 26.89
C ILE C 33 1.29 7.54 26.82
N PRO C 34 2.25 6.87 27.45
CA PRO C 34 3.65 7.24 27.28
C PRO C 34 4.11 7.10 25.83
N ASN C 35 5.32 7.56 25.58
CA ASN C 35 5.93 7.45 24.26
C ASN C 35 7.36 6.92 24.37
N ASP C 36 7.53 5.87 25.17
CA ASP C 36 8.74 5.08 25.16
C ASP C 36 8.60 3.80 24.35
N LYS C 37 7.37 3.43 23.96
CA LYS C 37 7.07 2.29 23.11
C LYS C 37 6.82 2.77 21.69
N PRO C 38 7.50 2.21 20.68
CA PRO C 38 7.37 2.74 19.32
C PRO C 38 6.06 2.41 18.63
N PHE C 39 5.28 1.48 19.16
CA PHE C 39 4.03 1.04 18.51
C PHE C 39 2.90 1.04 19.53
N GLN C 40 2.04 2.05 19.47
CA GLN C 40 0.86 2.07 20.33
C GLN C 40 -0.22 1.17 19.76
N ASN C 41 -1.35 1.10 20.45
CA ASN C 41 -2.47 0.26 20.03
C ASN C 41 -3.84 0.90 20.20
N VAL C 42 -3.99 1.95 20.99
CA VAL C 42 -5.32 2.36 21.45
C VAL C 42 -6.12 3.00 20.32
N ASN C 43 -5.53 3.98 19.65
CA ASN C 43 -6.25 4.69 18.59
C ASN C 43 -5.23 5.43 17.72
N LYS C 44 -5.64 5.70 16.48
CA LYS C 44 -4.77 6.35 15.52
C LYS C 44 -4.89 7.87 15.53
N ILE C 45 -5.95 8.42 16.12
CA ILE C 45 -6.14 9.87 16.17
C ILE C 45 -5.35 10.42 17.36
N THR C 46 -4.12 10.83 17.11
CA THR C 46 -3.20 11.21 18.18
C THR C 46 -3.04 12.73 18.24
N TYR C 47 -2.46 13.18 19.35
CA TYR C 47 -2.22 14.60 19.61
C TYR C 47 -0.75 14.75 19.93
N GLY C 48 -0.04 15.53 19.12
CA GLY C 48 1.39 15.73 19.31
C GLY C 48 2.19 14.55 18.79
N ALA C 49 3.50 14.66 18.97
CA ALA C 49 4.45 13.68 18.44
C ALA C 49 4.29 12.37 19.20
N CYS C 50 3.58 11.42 18.60
CA CYS C 50 3.19 10.20 19.28
C CYS C 50 3.43 9.00 18.36
N PRO C 51 3.94 7.88 18.89
CA PRO C 51 4.45 6.80 18.03
C PRO C 51 3.42 6.15 17.12
N LYS C 52 3.88 5.18 16.32
CA LYS C 52 3.14 4.69 15.17
C LYS C 52 2.06 3.69 15.57
N TYR C 53 0.84 3.92 15.09
CA TYR C 53 -0.27 3.01 15.32
C TYR C 53 -0.02 1.68 14.62
N VAL C 54 -0.39 0.57 15.27
CA VAL C 54 -0.38 -0.76 14.67
C VAL C 54 -1.69 -1.48 14.97
N LYS C 55 -1.79 -2.77 14.59
CA LYS C 55 -3.04 -3.50 14.80
C LYS C 55 -2.89 -4.81 15.55
N GLN C 56 -1.68 -5.19 15.99
CA GLN C 56 -1.47 -6.39 16.81
C GLN C 56 -1.82 -6.10 18.26
N ASN C 57 -1.40 -7.00 19.14
CA ASN C 57 -1.55 -6.82 20.57
C ASN C 57 -0.28 -7.10 21.36
N THR C 58 0.70 -7.80 20.80
CA THR C 58 1.96 -8.02 21.50
C THR C 58 3.04 -8.42 20.49
N LEU C 59 4.12 -7.66 20.48
CA LEU C 59 5.27 -7.92 19.61
C LEU C 59 6.51 -7.95 20.49
N LYS C 60 7.05 -9.15 20.75
CA LYS C 60 8.16 -9.26 21.68
C LYS C 60 9.46 -8.98 20.94
N LEU C 61 10.12 -7.87 21.30
CA LEU C 61 11.43 -7.54 20.76
C LEU C 61 12.53 -8.24 21.57
N ALA C 62 12.49 -9.58 21.51
CA ALA C 62 13.43 -10.43 22.25
C ALA C 62 14.84 -9.87 22.36
N THR C 63 15.37 -9.81 23.58
CA THR C 63 16.72 -9.30 23.83
C THR C 63 17.58 -10.32 24.58
N GLY C 64 17.22 -11.60 24.52
CA GLY C 64 17.87 -12.59 25.34
C GLY C 64 18.24 -13.84 24.57
N MET C 65 19.13 -14.62 25.17
CA MET C 65 19.55 -15.91 24.65
C MET C 65 18.35 -16.83 24.48
N ARG C 66 18.50 -17.82 23.60
CA ARG C 66 17.49 -18.84 23.44
C ARG C 66 17.40 -19.69 24.71
N ASN C 67 16.19 -19.83 25.24
CA ASN C 67 16.00 -20.59 26.47
C ASN C 67 16.25 -22.08 26.23
N VAL C 68 15.48 -22.68 25.34
CA VAL C 68 15.62 -24.12 25.08
C VAL C 68 17.03 -24.42 24.61
N PRO C 69 17.67 -25.49 25.06
CA PRO C 69 19.05 -25.76 24.65
C PRO C 69 19.11 -26.26 23.23
N GLU C 70 20.30 -26.12 22.64
CA GLU C 70 20.59 -26.65 21.30
C GLU C 70 19.62 -26.15 20.24
N ALA D 1 25.06 -34.03 -5.47
CA ALA D 1 25.32 -33.38 -6.75
C ALA D 1 24.32 -33.84 -7.80
N VAL D 2 23.07 -33.38 -7.67
CA VAL D 2 22.00 -33.79 -8.56
C VAL D 2 22.27 -33.16 -9.93
N PRO D 3 21.81 -33.75 -11.04
CA PRO D 3 21.95 -33.09 -12.34
C PRO D 3 20.91 -32.00 -12.55
N ASN D 4 19.71 -32.22 -12.03
CA ASN D 4 18.61 -31.27 -12.18
C ASN D 4 18.53 -30.34 -10.96
N GLY D 5 19.63 -29.62 -10.74
CA GLY D 5 19.64 -28.59 -9.72
C GLY D 5 18.80 -27.40 -10.15
N THR D 6 17.86 -27.01 -9.30
CA THR D 6 16.85 -26.01 -9.63
C THR D 6 17.30 -24.63 -9.17
N LEU D 7 17.20 -23.65 -10.07
CA LEU D 7 17.53 -22.28 -9.73
C LEU D 7 16.46 -21.68 -8.83
N VAL D 8 16.90 -20.97 -7.79
CA VAL D 8 16.01 -20.35 -6.82
C VAL D 8 16.44 -18.90 -6.64
N LYS D 9 15.46 -17.99 -6.67
CA LYS D 9 15.72 -16.56 -6.53
C LYS D 9 16.20 -16.27 -5.11
N THR D 10 16.80 -15.09 -4.93
CA THR D 10 17.31 -14.63 -3.64
C THR D 10 17.24 -13.12 -3.61
N ILE D 11 17.88 -12.50 -2.62
CA ILE D 11 17.89 -11.05 -2.50
C ILE D 11 19.30 -10.52 -2.69
N THR D 12 20.31 -11.34 -2.41
CA THR D 12 21.69 -10.98 -2.72
C THR D 12 21.96 -11.22 -4.19
N ASP D 13 21.82 -12.46 -4.63
CA ASP D 13 21.96 -12.85 -6.02
C ASP D 13 20.61 -12.64 -6.69
N ASP D 14 20.42 -13.21 -7.88
CA ASP D 14 19.10 -13.25 -8.50
C ASP D 14 18.70 -14.63 -9.01
N GLN D 15 19.59 -15.61 -8.96
CA GLN D 15 19.29 -17.02 -9.22
C GLN D 15 20.48 -17.88 -8.81
N ILE D 16 20.24 -18.94 -8.03
CA ILE D 16 21.32 -19.86 -7.68
C ILE D 16 20.78 -21.29 -7.76
N GLU D 17 21.67 -22.23 -8.05
CA GLU D 17 21.29 -23.60 -8.32
C GLU D 17 21.44 -24.44 -7.06
N VAL D 18 20.32 -24.91 -6.51
CA VAL D 18 20.34 -25.76 -5.33
C VAL D 18 19.85 -27.15 -5.71
N THR D 19 20.23 -28.14 -4.91
CA THR D 19 19.92 -29.53 -5.21
C THR D 19 18.43 -29.78 -5.35
N ASN D 20 17.66 -29.61 -4.28
CA ASN D 20 16.23 -29.84 -4.32
C ASN D 20 15.51 -28.50 -4.51
N ALA D 21 14.20 -28.51 -4.27
CA ALA D 21 13.35 -27.32 -4.33
C ALA D 21 11.91 -27.69 -4.03
N THR D 22 11.02 -26.71 -4.13
CA THR D 22 9.59 -26.91 -3.94
C THR D 22 8.90 -25.77 -4.68
N GLU D 23 7.58 -25.78 -4.70
CA GLU D 23 6.82 -24.69 -5.30
C GLU D 23 5.69 -24.28 -4.38
N LEU D 24 5.35 -22.99 -4.43
CA LEU D 24 4.31 -22.42 -3.56
C LEU D 24 3.22 -21.74 -4.38
N VAL D 25 3.26 -21.86 -5.70
CA VAL D 25 2.21 -21.36 -6.57
C VAL D 25 1.84 -22.41 -7.61
N CYS D 26 -11.80 -23.11 -1.54
CA CYS D 26 -11.37 -22.76 -2.90
C CYS D 26 -12.33 -23.27 -3.97
N ILE D 27 -13.16 -22.38 -4.48
CA ILE D 27 -13.95 -22.62 -5.69
C ILE D 27 -13.96 -21.33 -6.48
N THR D 28 -13.37 -21.34 -7.68
CA THR D 28 -13.16 -20.15 -8.48
C THR D 28 -14.01 -20.19 -9.73
N PRO D 29 -14.33 -19.04 -10.32
CA PRO D 29 -15.00 -19.03 -11.63
C PRO D 29 -14.15 -19.62 -12.74
N ASN D 30 -12.93 -20.06 -12.43
CA ASN D 30 -12.09 -20.77 -13.38
C ASN D 30 -11.66 -22.12 -12.83
N GLY D 31 -12.52 -22.78 -12.06
CA GLY D 31 -12.23 -24.10 -11.55
C GLY D 31 -12.12 -24.17 -10.03
N SER D 32 -11.42 -25.18 -9.53
CA SER D 32 -11.11 -25.29 -8.11
C SER D 32 -9.65 -25.67 -7.95
N ILE D 33 -9.19 -25.69 -6.71
CA ILE D 33 -7.76 -25.79 -6.43
C ILE D 33 -7.56 -26.25 -4.99
N PRO D 34 -6.55 -27.09 -4.72
CA PRO D 34 -6.23 -27.44 -3.33
C PRO D 34 -5.81 -26.21 -2.53
N ASN D 35 -5.65 -26.43 -1.23
CA ASN D 35 -5.18 -25.38 -0.33
C ASN D 35 -4.07 -25.90 0.57
N ASP D 36 -3.10 -26.57 -0.04
CA ASP D 36 -1.84 -26.88 0.61
C ASP D 36 -0.72 -25.93 0.19
N LYS D 37 -0.94 -25.12 -0.85
CA LYS D 37 -0.03 -24.09 -1.31
C LYS D 37 -0.50 -22.73 -0.81
N PRO D 38 0.38 -21.95 -0.16
CA PRO D 38 -0.09 -20.69 0.45
C PRO D 38 -0.35 -19.57 -0.54
N PHE D 39 0.08 -19.71 -1.79
CA PHE D 39 -0.07 -18.64 -2.78
C PHE D 39 -0.66 -19.21 -4.07
N GLN D 40 -1.95 -19.00 -4.30
CA GLN D 40 -2.55 -19.41 -5.56
C GLN D 40 -2.21 -18.41 -6.66
N ASN D 41 -2.73 -18.68 -7.86
CA ASN D 41 -2.48 -17.81 -9.02
C ASN D 41 -3.68 -17.59 -9.92
N VAL D 42 -4.72 -18.41 -9.84
CA VAL D 42 -5.72 -18.45 -10.89
C VAL D 42 -6.60 -17.20 -10.88
N ASN D 43 -7.17 -16.88 -9.72
CA ASN D 43 -8.07 -15.73 -9.62
C ASN D 43 -8.19 -15.34 -8.15
N LYS D 44 -8.56 -14.07 -7.94
CA LYS D 44 -8.68 -13.52 -6.60
C LYS D 44 -10.09 -13.67 -6.01
N ILE D 45 -11.09 -13.94 -6.84
CA ILE D 45 -12.46 -14.10 -6.36
C ILE D 45 -12.65 -15.53 -5.88
N THR D 46 -12.42 -15.75 -4.60
CA THR D 46 -12.41 -17.10 -4.03
C THR D 46 -13.68 -17.38 -3.24
N TYR D 47 -13.87 -18.66 -2.94
CA TYR D 47 -15.03 -19.15 -2.20
C TYR D 47 -14.49 -19.96 -1.02
N GLY D 48 -14.82 -19.52 0.20
CA GLY D 48 -14.34 -20.19 1.38
C GLY D 48 -12.90 -19.84 1.70
N ALA D 49 -12.40 -20.46 2.76
CA ALA D 49 -11.07 -20.15 3.28
C ALA D 49 -10.02 -20.67 2.30
N CYS D 50 -9.47 -19.76 1.49
CA CYS D 50 -8.60 -20.13 0.39
C CYS D 50 -7.39 -19.20 0.35
N PRO D 51 -6.19 -19.74 0.09
CA PRO D 51 -4.96 -18.98 0.32
C PRO D 51 -4.80 -17.71 -0.51
N LYS D 52 -3.69 -17.01 -0.28
CA LYS D 52 -3.54 -15.63 -0.72
C LYS D 52 -3.17 -15.53 -2.20
N TYR D 53 -3.91 -14.71 -2.93
CA TYR D 53 -3.62 -14.45 -4.34
C TYR D 53 -2.30 -13.71 -4.48
N VAL D 54 -1.53 -14.09 -5.51
CA VAL D 54 -0.31 -13.38 -5.90
C VAL D 54 -0.29 -13.14 -7.41
N LYS D 55 0.81 -12.60 -7.94
CA LYS D 55 0.88 -12.30 -9.37
C LYS D 55 2.07 -12.90 -10.11
N GLN D 56 2.93 -13.67 -9.44
CA GLN D 56 4.04 -14.36 -10.09
C GLN D 56 3.54 -15.65 -10.74
N ASN D 57 4.50 -16.50 -11.11
CA ASN D 57 4.19 -17.81 -11.65
C ASN D 57 4.97 -18.95 -11.00
N THR D 58 6.08 -18.66 -10.30
CA THR D 58 6.82 -19.70 -9.62
C THR D 58 7.72 -19.08 -8.56
N LEU D 59 7.56 -19.51 -7.32
CA LEU D 59 8.36 -19.05 -6.19
C LEU D 59 8.92 -20.28 -5.50
N LYS D 60 10.21 -20.56 -5.68
CA LYS D 60 10.78 -21.79 -5.14
C LYS D 60 11.16 -21.56 -3.68
N LEU D 61 10.47 -22.23 -2.77
CA LEU D 61 10.82 -22.20 -1.35
C LEU D 61 11.90 -23.24 -1.05
N ALA D 62 13.07 -23.03 -1.66
CA ALA D 62 14.21 -23.93 -1.54
C ALA D 62 14.37 -24.56 -0.16
N THR D 63 14.50 -25.89 -0.11
CA THR D 63 14.65 -26.63 1.14
C THR D 63 15.90 -27.50 1.13
N GLY D 64 16.88 -27.17 0.29
CA GLY D 64 18.01 -28.06 0.09
C GLY D 64 19.33 -27.31 0.08
N MET D 65 20.40 -28.08 0.27
CA MET D 65 21.75 -27.58 0.20
C MET D 65 22.03 -26.92 -1.15
N ARG D 66 23.02 -26.03 -1.17
CA ARG D 66 23.47 -25.42 -2.40
C ARG D 66 24.12 -26.48 -3.30
N ASN D 67 23.64 -26.57 -4.54
CA ASN D 67 24.16 -27.57 -5.47
C ASN D 67 25.60 -27.27 -5.84
N VAL D 68 25.84 -26.10 -6.44
CA VAL D 68 27.19 -25.74 -6.89
C VAL D 68 28.12 -25.73 -5.69
N PRO D 69 29.34 -26.24 -5.81
CA PRO D 69 30.25 -26.28 -4.66
C PRO D 69 30.80 -24.90 -4.33
N GLU D 70 31.26 -24.76 -3.09
CA GLU D 70 31.93 -23.55 -2.62
C GLU D 70 31.10 -22.29 -2.84
N ASP E 37 -62.52 32.88 -30.02
CA ASP E 37 -62.95 33.66 -28.86
C ASP E 37 -62.11 33.32 -27.64
N LEU E 38 -62.61 33.68 -26.44
CA LEU E 38 -61.91 33.44 -25.19
C LEU E 38 -61.83 31.96 -24.84
N LYS E 39 -62.62 31.11 -25.51
CA LYS E 39 -62.60 29.68 -25.21
C LYS E 39 -61.26 29.05 -25.62
N SER E 40 -60.77 29.39 -26.81
CA SER E 40 -59.46 28.89 -27.23
C SER E 40 -58.36 29.41 -26.30
N THR E 41 -58.48 30.66 -25.85
CA THR E 41 -57.54 31.19 -24.88
C THR E 41 -57.57 30.37 -23.60
N GLN E 42 -58.77 30.04 -23.12
CA GLN E 42 -58.89 29.24 -21.91
C GLN E 42 -58.29 27.85 -22.10
N ALA E 43 -58.50 27.25 -23.27
CA ALA E 43 -57.90 25.94 -23.52
C ALA E 43 -56.38 26.05 -23.51
N ALA E 44 -55.85 27.15 -24.06
CA ALA E 44 -54.42 27.39 -23.99
C ALA E 44 -53.96 27.52 -22.54
N ILE E 45 -54.73 28.21 -21.70
CA ILE E 45 -54.39 28.31 -20.28
C ILE E 45 -54.32 26.93 -19.64
N ASP E 46 -55.34 26.10 -19.88
CA ASP E 46 -55.32 24.75 -19.29
C ASP E 46 -54.11 23.95 -19.77
N GLN E 47 -53.80 24.00 -21.06
CA GLN E 47 -52.71 23.16 -21.53
C GLN E 47 -51.35 23.70 -21.11
N ILE E 48 -51.19 25.02 -20.96
CA ILE E 48 -49.92 25.52 -20.42
C ILE E 48 -49.80 25.18 -18.94
N ASN E 49 -50.92 25.22 -18.19
CA ASN E 49 -50.90 24.73 -16.81
C ASN E 49 -50.50 23.27 -16.75
N GLY E 50 -51.07 22.45 -17.63
CA GLY E 50 -50.71 21.04 -17.67
C GLY E 50 -49.24 20.84 -17.91
N LYS E 51 -48.71 21.47 -18.97
CA LYS E 51 -47.30 21.30 -19.29
C LYS E 51 -46.39 21.87 -18.21
N LEU E 52 -46.82 22.95 -17.55
CA LEU E 52 -46.02 23.53 -16.48
C LEU E 52 -45.95 22.58 -15.28
N ASN E 53 -47.10 22.04 -14.86
CA ASN E 53 -47.07 21.04 -13.79
C ASN E 53 -46.28 19.81 -14.22
N ARG E 54 -46.32 19.45 -15.49
CA ARG E 54 -45.58 18.29 -15.98
C ARG E 54 -44.08 18.52 -15.81
N VAL E 55 -43.56 19.64 -16.34
CA VAL E 55 -42.14 19.93 -16.20
C VAL E 55 -41.78 20.09 -14.73
N ILE E 56 -42.68 20.67 -13.92
CA ILE E 56 -42.42 20.79 -12.49
C ILE E 56 -42.14 19.42 -11.88
N GLU E 57 -43.07 18.47 -12.03
CA GLU E 57 -42.91 17.18 -11.37
C GLU E 57 -41.75 16.40 -11.99
N LYS E 58 -41.56 16.53 -13.30
CA LYS E 58 -40.44 15.87 -13.95
C LYS E 58 -39.12 16.35 -13.39
N THR E 59 -38.93 17.68 -13.33
CA THR E 59 -37.75 18.25 -12.70
C THR E 59 -37.59 17.73 -11.28
N ASN E 60 -38.69 17.68 -10.50
CA ASN E 60 -38.56 17.24 -9.11
C ASN E 60 -38.05 15.81 -9.03
N GLU E 61 -38.64 14.91 -9.81
CA GLU E 61 -38.20 13.51 -9.76
C GLU E 61 -36.79 13.36 -10.32
N LYS E 62 -36.39 14.18 -11.30
CA LYS E 62 -35.04 14.06 -11.82
C LYS E 62 -34.03 14.64 -10.83
N PHE E 63 -34.43 15.66 -10.06
CA PHE E 63 -33.60 16.10 -8.93
C PHE E 63 -33.47 14.98 -7.91
N HIS E 64 -34.56 14.25 -7.66
CA HIS E 64 -34.46 13.07 -6.81
C HIS E 64 -33.44 12.08 -7.35
N GLN E 65 -33.44 11.89 -8.67
CA GLN E 65 -32.45 11.02 -9.32
C GLN E 65 -31.04 11.51 -9.00
N ILE E 66 -30.82 12.80 -9.17
CA ILE E 66 -29.50 13.38 -8.98
C ILE E 66 -29.07 13.28 -7.52
N GLU E 67 -29.99 13.50 -6.59
CA GLU E 67 -29.62 13.48 -5.17
C GLU E 67 -29.38 12.06 -4.67
N LYS E 68 -30.16 11.08 -5.14
CA LYS E 68 -29.82 9.71 -4.77
C LYS E 68 -28.51 9.29 -5.40
N GLU E 69 -28.17 9.82 -6.58
CA GLU E 69 -26.88 9.48 -7.16
C GLU E 69 -25.73 10.13 -6.39
N PHE E 70 -25.92 11.36 -5.93
CA PHE E 70 -24.98 11.95 -4.98
C PHE E 70 -24.82 11.09 -3.72
N SER E 71 -25.95 10.66 -3.14
CA SER E 71 -25.87 9.85 -1.93
C SER E 71 -25.07 8.58 -2.18
N GLU E 72 -25.33 7.89 -3.29
CA GLU E 72 -24.67 6.62 -3.53
C GLU E 72 -23.20 6.81 -3.88
N VAL E 73 -22.88 7.89 -4.61
CA VAL E 73 -21.47 8.11 -4.96
C VAL E 73 -20.69 8.54 -3.72
N GLU E 74 -21.32 9.33 -2.84
CA GLU E 74 -20.66 9.68 -1.58
C GLU E 74 -20.42 8.43 -0.73
N GLY E 75 -21.39 7.52 -0.70
CA GLY E 75 -21.15 6.24 -0.03
C GLY E 75 -20.05 5.43 -0.68
N ARG E 76 -19.97 5.48 -2.02
CA ARG E 76 -18.89 4.82 -2.72
C ARG E 76 -17.53 5.35 -2.29
N ILE E 77 -17.38 6.67 -2.29
CA ILE E 77 -16.11 7.26 -1.86
C ILE E 77 -15.84 6.97 -0.40
N GLN E 78 -16.88 6.92 0.43
CA GLN E 78 -16.69 6.61 1.84
C GLN E 78 -16.12 5.20 2.01
N ASP E 79 -16.74 4.22 1.35
CA ASP E 79 -16.24 2.86 1.44
C ASP E 79 -14.86 2.73 0.79
N LEU E 80 -14.60 3.49 -0.27
CA LEU E 80 -13.27 3.48 -0.87
C LEU E 80 -12.24 4.03 0.10
N GLU E 81 -12.58 5.10 0.83
CA GLU E 81 -11.68 5.66 1.82
C GLU E 81 -11.41 4.66 2.92
N LYS E 82 -12.47 3.98 3.38
CA LYS E 82 -12.31 2.94 4.39
C LYS E 82 -11.40 1.83 3.88
N TYR E 83 -11.54 1.46 2.60
CA TYR E 83 -10.69 0.43 2.02
C TYR E 83 -9.23 0.89 1.98
N VAL E 84 -8.99 2.14 1.59
CA VAL E 84 -7.62 2.65 1.55
C VAL E 84 -7.02 2.68 2.95
N GLU E 85 -7.80 3.12 3.94
CA GLU E 85 -7.30 3.15 5.31
C GLU E 85 -6.99 1.75 5.81
N ASP E 86 -7.88 0.79 5.55
CA ASP E 86 -7.63 -0.57 5.98
C ASP E 86 -6.39 -1.15 5.31
N THR E 87 -6.25 -0.93 3.99
CA THR E 87 -5.07 -1.40 3.27
C THR E 87 -3.79 -0.80 3.85
N LYS E 88 -3.78 0.52 4.03
CA LYS E 88 -2.59 1.17 4.59
C LYS E 88 -2.28 0.62 5.98
N ILE E 89 -3.32 0.42 6.80
CA ILE E 89 -3.10 0.00 8.18
C ILE E 89 -2.55 -1.41 8.22
N ASP E 90 -3.09 -2.32 7.40
CA ASP E 90 -2.60 -3.68 7.45
C ASP E 90 -1.24 -3.82 6.77
N LEU E 91 -0.96 -3.01 5.74
CA LEU E 91 0.38 -3.03 5.17
C LEU E 91 1.42 -2.51 6.15
N TRP E 92 1.12 -1.40 6.83
CA TRP E 92 2.03 -0.89 7.84
C TRP E 92 2.18 -1.87 8.99
N SER E 93 1.11 -2.58 9.34
CA SER E 93 1.17 -3.58 10.40
C SER E 93 2.07 -4.74 9.99
N TYR E 94 1.95 -5.22 8.75
CA TYR E 94 2.80 -6.31 8.29
C TYR E 94 4.25 -5.86 8.16
N ASN E 95 4.47 -4.61 7.72
CA ASN E 95 5.83 -4.07 7.72
C ASN E 95 6.42 -4.05 9.13
N ALA E 96 5.60 -3.68 10.12
CA ALA E 96 6.05 -3.68 11.51
C ALA E 96 6.39 -5.10 11.96
N GLU E 97 5.51 -6.05 11.65
CA GLU E 97 5.71 -7.44 12.04
C GLU E 97 6.97 -8.01 11.40
N LEU E 98 7.18 -7.75 10.11
CA LEU E 98 8.38 -8.21 9.43
C LEU E 98 9.62 -7.56 10.02
N LEU E 99 9.53 -6.28 10.38
CA LEU E 99 10.67 -5.59 10.98
C LEU E 99 11.06 -6.23 12.30
N VAL E 100 10.07 -6.46 13.17
CA VAL E 100 10.39 -7.06 14.47
C VAL E 100 10.82 -8.51 14.30
N ALA E 101 10.31 -9.21 13.28
CA ALA E 101 10.75 -10.58 13.03
C ALA E 101 12.21 -10.61 12.61
N LEU E 102 12.61 -9.71 11.70
CA LEU E 102 14.01 -9.62 11.30
C LEU E 102 14.91 -9.29 12.48
N GLU E 103 14.49 -8.31 13.30
CA GLU E 103 15.29 -7.97 14.48
C GLU E 103 15.42 -9.16 15.43
N ASN E 104 14.31 -9.84 15.70
CA ASN E 104 14.33 -11.01 16.56
C ASN E 104 15.30 -12.06 16.03
N GLN E 105 15.22 -12.37 14.73
CA GLN E 105 16.09 -13.39 14.17
C GLN E 105 17.55 -12.98 14.26
N HIS E 106 17.85 -11.71 13.95
CA HIS E 106 19.23 -11.24 14.05
C HIS E 106 19.76 -11.41 15.46
N THR E 107 18.98 -10.99 16.45
CA THR E 107 19.39 -11.12 17.84
C THR E 107 19.63 -12.58 18.20
N ILE E 108 18.67 -13.46 17.86
CA ILE E 108 18.78 -14.87 18.20
C ILE E 108 20.02 -15.47 17.56
N ASP E 109 20.30 -15.11 16.31
CA ASP E 109 21.44 -15.69 15.60
C ASP E 109 22.75 -15.22 16.21
N LEU E 110 22.87 -13.92 16.48
CA LEU E 110 24.07 -13.44 17.17
C LEU E 110 24.26 -14.19 18.49
N THR E 111 23.19 -14.27 19.30
CA THR E 111 23.31 -14.86 20.63
C THR E 111 23.73 -16.33 20.57
N ASP E 112 23.03 -17.15 19.78
CA ASP E 112 23.40 -18.57 19.77
C ASP E 112 24.74 -18.79 19.09
N SER E 113 25.11 -17.96 18.11
CA SER E 113 26.45 -18.08 17.54
C SER E 113 27.52 -17.86 18.61
N GLU E 114 27.36 -16.80 19.41
CA GLU E 114 28.28 -16.56 20.51
C GLU E 114 28.25 -17.74 21.49
N MET E 115 27.06 -18.29 21.74
CA MET E 115 26.93 -19.40 22.68
C MET E 115 27.70 -20.63 22.21
N ASN E 116 27.51 -21.03 20.95
CA ASN E 116 28.24 -22.17 20.43
C ASN E 116 29.74 -21.88 20.34
N LYS E 117 30.11 -20.63 20.09
CA LYS E 117 31.53 -20.27 20.10
C LYS E 117 32.14 -20.53 21.47
N LEU E 118 31.50 -20.02 22.52
CA LEU E 118 31.97 -20.28 23.87
C LEU E 118 31.92 -21.76 24.22
N PHE E 119 30.91 -22.47 23.70
CA PHE E 119 30.80 -23.91 23.91
C PHE E 119 32.02 -24.63 23.36
N GLU E 120 32.39 -24.32 22.11
CA GLU E 120 33.56 -24.96 21.51
C GLU E 120 34.84 -24.55 22.23
N LYS E 121 34.95 -23.28 22.62
CA LYS E 121 36.11 -22.83 23.38
C LYS E 121 36.28 -23.65 24.66
N THR E 122 35.20 -23.81 25.43
CA THR E 122 35.28 -24.62 26.64
C THR E 122 35.58 -26.08 26.32
N ARG E 123 34.99 -26.61 25.24
CA ARG E 123 35.28 -27.98 24.83
C ARG E 123 36.75 -28.18 24.53
N ARG E 124 37.42 -27.14 24.03
CA ARG E 124 38.87 -27.21 23.81
C ARG E 124 39.62 -27.40 25.12
N GLN E 125 39.13 -26.80 26.20
CA GLN E 125 39.77 -26.91 27.50
C GLN E 125 39.61 -28.31 28.08
N ASP F 37 -56.72 45.00 -25.54
CA ASP F 37 -57.69 43.97 -25.90
C ASP F 37 -57.07 42.58 -25.78
N LEU F 38 -57.72 41.58 -26.39
CA LEU F 38 -57.26 40.20 -26.35
C LEU F 38 -55.96 39.99 -27.11
N LYS F 39 -55.55 40.95 -27.95
CA LYS F 39 -54.31 40.80 -28.70
C LYS F 39 -53.09 40.82 -27.79
N SER F 40 -53.06 41.76 -26.83
CA SER F 40 -51.96 41.79 -25.87
C SER F 40 -51.94 40.52 -25.03
N THR F 41 -53.12 40.00 -24.67
CA THR F 41 -53.20 38.73 -23.97
C THR F 41 -52.60 37.61 -24.80
N GLN F 42 -52.93 37.58 -26.09
CA GLN F 42 -52.37 36.55 -26.97
C GLN F 42 -50.86 36.67 -27.08
N ALA F 43 -50.35 37.90 -27.17
CA ALA F 43 -48.90 38.08 -27.22
C ALA F 43 -48.27 37.58 -25.93
N ALA F 44 -48.92 37.82 -24.80
CA ALA F 44 -48.44 37.27 -23.54
C ALA F 44 -48.44 35.75 -23.57
N ILE F 45 -49.48 35.14 -24.14
CA ILE F 45 -49.50 33.68 -24.28
C ILE F 45 -48.31 33.19 -25.10
N ASP F 46 -48.05 33.82 -26.24
CA ASP F 46 -46.92 33.38 -27.06
C ASP F 46 -45.61 33.53 -26.31
N GLN F 47 -45.41 34.64 -25.61
CA GLN F 47 -44.11 34.82 -24.97
C GLN F 47 -43.95 33.93 -23.74
N ILE F 48 -45.03 33.62 -23.02
CA ILE F 48 -44.90 32.66 -21.93
C ILE F 48 -44.66 31.25 -22.48
N ASN F 49 -45.28 30.90 -23.62
CA ASN F 49 -44.95 29.65 -24.28
C ASN F 49 -43.48 29.60 -24.66
N GLY F 50 -42.98 30.69 -25.25
CA GLY F 50 -41.58 30.75 -25.62
C GLY F 50 -40.67 30.54 -24.43
N LYS F 51 -40.88 31.29 -23.36
CA LYS F 51 -40.02 31.17 -22.19
C LYS F 51 -40.17 29.81 -21.53
N LEU F 52 -41.36 29.22 -21.57
CA LEU F 52 -41.55 27.89 -20.99
C LEU F 52 -40.79 26.83 -21.78
N ASN F 53 -40.90 26.86 -23.10
CA ASN F 53 -40.09 25.94 -23.90
C ASN F 53 -38.61 26.20 -23.72
N ARG F 54 -38.22 27.46 -23.51
CA ARG F 54 -36.82 27.79 -23.29
C ARG F 54 -36.30 27.13 -22.03
N VAL F 55 -37.00 27.36 -20.90
CA VAL F 55 -36.56 26.75 -19.65
C VAL F 55 -36.63 25.23 -19.75
N ILE F 56 -37.64 24.70 -20.47
CA ILE F 56 -37.72 23.25 -20.67
C ILE F 56 -36.43 22.72 -21.28
N GLU F 57 -36.05 23.26 -22.45
CA GLU F 57 -34.90 22.71 -23.16
C GLU F 57 -33.61 22.99 -22.39
N LYS F 58 -33.54 24.16 -21.74
CA LYS F 58 -32.37 24.49 -20.93
C LYS F 58 -32.19 23.49 -19.81
N THR F 59 -33.26 23.24 -19.04
CA THR F 59 -33.23 22.22 -18.01
C THR F 59 -32.81 20.87 -18.59
N ASN F 60 -33.34 20.50 -19.75
CA ASN F 60 -33.00 19.18 -20.31
C ASN F 60 -31.52 19.08 -20.61
N GLU F 61 -30.96 20.09 -21.28
CA GLU F 61 -29.53 20.04 -21.60
C GLU F 61 -28.67 20.14 -20.34
N LYS F 62 -29.12 20.85 -19.31
CA LYS F 62 -28.34 20.92 -18.09
C LYS F 62 -28.42 19.61 -17.32
N PHE F 63 -29.55 18.92 -17.40
CA PHE F 63 -29.62 17.56 -16.88
C PHE F 63 -28.65 16.66 -17.64
N HIS F 64 -28.57 16.85 -18.96
CA HIS F 64 -27.56 16.13 -19.73
C HIS F 64 -26.16 16.41 -19.18
N GLN F 65 -25.89 17.66 -18.87
CA GLN F 65 -24.61 18.04 -18.25
C GLN F 65 -24.38 17.25 -16.98
N ILE F 66 -25.38 17.22 -16.12
CA ILE F 66 -25.27 16.56 -14.83
C ILE F 66 -25.07 15.05 -14.99
N GLU F 67 -25.77 14.44 -15.95
CA GLU F 67 -25.68 12.99 -16.12
C GLU F 67 -24.37 12.58 -16.76
N LYS F 68 -23.85 13.37 -17.72
CA LYS F 68 -22.52 13.04 -18.22
C LYS F 68 -21.47 13.27 -17.15
N GLU F 69 -21.69 14.22 -16.23
CA GLU F 69 -20.71 14.39 -15.16
C GLU F 69 -20.79 13.23 -14.16
N PHE F 70 -21.99 12.74 -13.87
CA PHE F 70 -22.11 11.48 -13.13
C PHE F 70 -21.39 10.33 -13.82
N SER F 71 -21.60 10.18 -15.13
CA SER F 71 -20.93 9.10 -15.86
C SER F 71 -19.42 9.19 -15.73
N GLU F 72 -18.88 10.40 -15.92
CA GLU F 72 -17.42 10.54 -15.91
C GLU F 72 -16.86 10.39 -14.51
N VAL F 73 -17.58 10.87 -13.48
CA VAL F 73 -17.07 10.72 -12.12
C VAL F 73 -17.17 9.27 -11.67
N GLU F 74 -18.21 8.55 -12.11
CA GLU F 74 -18.29 7.13 -11.81
C GLU F 74 -17.15 6.37 -12.48
N GLY F 75 -16.83 6.74 -13.73
CA GLY F 75 -15.66 6.15 -14.36
C GLY F 75 -14.37 6.50 -13.64
N ARG F 76 -14.28 7.72 -13.12
CA ARG F 76 -13.11 8.12 -12.32
C ARG F 76 -12.95 7.22 -11.11
N ILE F 77 -14.04 7.04 -10.35
CA ILE F 77 -13.96 6.17 -9.17
C ILE F 77 -13.68 4.74 -9.57
N GLN F 78 -14.21 4.30 -10.71
CA GLN F 78 -13.94 2.93 -11.16
C GLN F 78 -12.46 2.73 -11.43
N ASP F 79 -11.85 3.65 -12.18
CA ASP F 79 -10.43 3.54 -12.47
C ASP F 79 -9.60 3.72 -11.20
N LEU F 80 -10.07 4.56 -10.25
CA LEU F 80 -9.35 4.70 -8.99
C LEU F 80 -9.41 3.41 -8.20
N GLU F 81 -10.56 2.73 -8.21
CA GLU F 81 -10.69 1.45 -7.52
C GLU F 81 -9.77 0.43 -8.15
N LYS F 82 -9.73 0.40 -9.48
CA LYS F 82 -8.81 -0.50 -10.17
C LYS F 82 -7.36 -0.20 -9.81
N TYR F 83 -7.02 1.08 -9.67
CA TYR F 83 -5.67 1.46 -9.29
C TYR F 83 -5.36 0.99 -7.87
N VAL F 84 -6.30 1.16 -6.94
CA VAL F 84 -6.08 0.71 -5.57
C VAL F 84 -5.92 -0.80 -5.52
N GLU F 85 -6.76 -1.53 -6.27
CA GLU F 85 -6.64 -2.98 -6.28
C GLU F 85 -5.30 -3.42 -6.87
N ASP F 86 -4.88 -2.80 -7.97
CA ASP F 86 -3.60 -3.15 -8.57
C ASP F 86 -2.45 -2.86 -7.61
N THR F 87 -2.47 -1.69 -6.97
CA THR F 87 -1.44 -1.34 -6.00
C THR F 87 -1.39 -2.35 -4.86
N LYS F 88 -2.55 -2.65 -4.27
CA LYS F 88 -2.58 -3.61 -3.17
C LYS F 88 -2.05 -4.97 -3.63
N ILE F 89 -2.44 -5.40 -4.84
CA ILE F 89 -2.07 -6.72 -5.32
C ILE F 89 -0.57 -6.80 -5.55
N ASP F 90 0.02 -5.77 -6.16
CA ASP F 90 1.44 -5.83 -6.44
C ASP F 90 2.27 -5.61 -5.17
N LEU F 91 1.77 -4.82 -4.22
CA LEU F 91 2.48 -4.69 -2.95
C LEU F 91 2.45 -6.01 -2.18
N TRP F 92 1.29 -6.66 -2.10
CA TRP F 92 1.22 -7.95 -1.45
C TRP F 92 2.07 -8.99 -2.17
N SER F 93 2.13 -8.91 -3.50
CA SER F 93 2.97 -9.82 -4.27
C SER F 93 4.44 -9.62 -3.96
N TYR F 94 4.88 -8.36 -3.89
CA TYR F 94 6.28 -8.09 -3.57
C TYR F 94 6.60 -8.47 -2.13
N ASN F 95 5.66 -8.25 -1.20
CA ASN F 95 5.84 -8.74 0.17
C ASN F 95 6.01 -10.25 0.19
N ALA F 96 5.21 -10.96 -0.61
CA ALA F 96 5.33 -12.41 -0.71
C ALA F 96 6.70 -12.81 -1.24
N GLU F 97 7.13 -12.13 -2.32
CA GLU F 97 8.40 -12.44 -2.95
C GLU F 97 9.56 -12.18 -2.01
N LEU F 98 9.52 -11.05 -1.28
CA LEU F 98 10.57 -10.76 -0.31
C LEU F 98 10.56 -11.77 0.84
N LEU F 99 9.36 -12.20 1.25
CA LEU F 99 9.27 -13.19 2.32
C LEU F 99 9.93 -14.51 1.89
N VAL F 100 9.58 -15.00 0.70
CA VAL F 100 10.16 -16.26 0.25
C VAL F 100 11.65 -16.09 -0.05
N ALA F 101 12.08 -14.90 -0.46
CA ALA F 101 13.50 -14.67 -0.67
C ALA F 101 14.28 -14.74 0.64
N LEU F 102 13.75 -14.10 1.68
CA LEU F 102 14.38 -14.17 3.00
C LEU F 102 14.44 -15.61 3.50
N GLU F 103 13.32 -16.34 3.38
CA GLU F 103 13.33 -17.74 3.80
C GLU F 103 14.35 -18.56 3.03
N ASN F 104 14.39 -18.40 1.70
CA ASN F 104 15.36 -19.10 0.89
C ASN F 104 16.79 -18.81 1.35
N GLN F 105 17.10 -17.53 1.55
CA GLN F 105 18.46 -17.17 1.95
C GLN F 105 18.80 -17.76 3.30
N HIS F 106 17.87 -17.69 4.27
CA HIS F 106 18.12 -18.26 5.59
C HIS F 106 18.42 -19.75 5.47
N THR F 107 17.60 -20.47 4.71
CA THR F 107 17.81 -21.91 4.54
C THR F 107 19.18 -22.18 3.91
N ILE F 108 19.49 -21.47 2.82
CA ILE F 108 20.75 -21.69 2.13
C ILE F 108 21.93 -21.42 3.06
N ASP F 109 21.84 -20.36 3.86
CA ASP F 109 22.95 -20.00 4.75
C ASP F 109 23.14 -21.04 5.84
N LEU F 110 22.04 -21.46 6.48
CA LEU F 110 22.17 -22.54 7.45
C LEU F 110 22.80 -23.77 6.83
N THR F 111 22.30 -24.18 5.65
CA THR F 111 22.76 -25.41 5.04
C THR F 111 24.26 -25.35 4.69
N ASP F 112 24.69 -24.31 3.98
CA ASP F 112 26.10 -24.28 3.61
C ASP F 112 27.00 -24.04 4.81
N SER F 113 26.53 -23.32 5.83
CA SER F 113 27.33 -23.19 7.05
C SER F 113 27.57 -24.56 7.68
N GLU F 114 26.50 -25.36 7.80
CA GLU F 114 26.67 -26.72 8.30
C GLU F 114 27.60 -27.53 7.40
N MET F 115 27.50 -27.32 6.09
CA MET F 115 28.32 -28.06 5.14
C MET F 115 29.81 -27.75 5.33
N ASN F 116 30.15 -26.45 5.40
CA ASN F 116 31.55 -26.08 5.61
C ASN F 116 32.02 -26.51 6.99
N LYS F 117 31.13 -26.52 7.98
CA LYS F 117 31.51 -27.00 9.31
C LYS F 117 31.92 -28.47 9.24
N LEU F 118 31.09 -29.30 8.62
CA LEU F 118 31.44 -30.71 8.44
C LEU F 118 32.69 -30.87 7.57
N PHE F 119 32.86 -29.99 6.58
CA PHE F 119 34.04 -30.02 5.73
C PHE F 119 35.31 -29.81 6.56
N GLU F 120 35.31 -28.78 7.41
CA GLU F 120 36.47 -28.53 8.25
C GLU F 120 36.68 -29.66 9.26
N LYS F 121 35.60 -30.18 9.83
CA LYS F 121 35.71 -31.31 10.75
C LYS F 121 36.42 -32.48 10.08
N THR F 122 35.97 -32.85 8.87
CA THR F 122 36.64 -33.94 8.15
C THR F 122 38.08 -33.59 7.81
N ARG F 123 38.33 -32.34 7.42
CA ARG F 123 39.70 -31.91 7.13
C ARG F 123 40.61 -32.07 8.33
N ARG F 124 40.05 -31.92 9.54
CA ARG F 124 40.84 -32.16 10.74
C ARG F 124 41.27 -33.62 10.85
N GLN F 125 40.43 -34.54 10.39
CA GLN F 125 40.75 -35.97 10.43
C GLN F 125 41.84 -36.32 9.44
#